data_2TDT
#
_entry.id   2TDT
#
_cell.length_a   95.710
_cell.length_b   95.710
_cell.length_c   72.790
_cell.angle_alpha   90.00
_cell.angle_beta   90.00
_cell.angle_gamma   120.00
#
_symmetry.space_group_name_H-M   'H 3'
#
loop_
_entity.id
_entity.type
_entity.pdbx_description
1 polymer 'TETRAHYDRODIPICOLINATE N-SUCCINYLTRANSFERASE'
2 non-polymer 'COENZYME A'
3 non-polymer '(2S)-2-aminoheptanedioic acid'
4 water water
#
_entity_poly.entity_id   1
_entity_poly.type   'polypeptide(L)'
_entity_poly.pdbx_seq_one_letter_code
;MQQLQNVIESAFERRADITPANVDTVTREAVNQVIGLLDSGALRVAEKIDGQWVTHQWLKKAVLLSFRINDNKVMDGAET
RYYDKVPMKFADYDEARFQKEGFRVVPPATVRQGAFIARNTVLMPSYVNIGAYVDEGTMVDTWATVGSCAQIGKNVHLSG
GVGIGGVLEPLQANPTIIEDNCFIGARSEVVEGVIVEEGSVISMGVYLGQSTRIYDRETGEIHYGRVPAGSVVVSGNLPS
KDGSYSLYCAVIVKKVDAKTRGKVGINELLRTID
;
_entity_poly.pdbx_strand_id   A
#
# COMPACT_ATOMS: atom_id res chain seq x y z
N MET A 1 -1.57 -19.15 11.62
CA MET A 1 -1.21 -19.54 12.98
C MET A 1 -2.45 -19.49 13.90
N GLN A 2 -2.92 -20.64 14.37
CA GLN A 2 -4.13 -20.66 15.21
C GLN A 2 -3.92 -20.05 16.60
N GLN A 3 -2.77 -20.33 17.22
CA GLN A 3 -2.48 -19.78 18.57
C GLN A 3 -2.49 -18.23 18.65
N LEU A 4 -2.36 -17.60 17.49
CA LEU A 4 -2.38 -16.18 17.43
C LEU A 4 -3.73 -15.83 16.89
N GLN A 5 -4.14 -16.44 15.80
CA GLN A 5 -5.41 -16.06 15.26
C GLN A 5 -6.48 -16.01 16.27
N ASN A 6 -6.59 -17.07 17.05
CA ASN A 6 -7.66 -17.17 18.05
C ASN A 6 -7.85 -16.00 19.00
N VAL A 7 -6.77 -15.67 19.69
CA VAL A 7 -6.68 -14.59 20.65
C VAL A 7 -7.09 -13.29 19.97
N ILE A 8 -6.51 -13.05 18.78
CA ILE A 8 -6.79 -11.81 18.03
C ILE A 8 -8.26 -11.65 17.84
N GLU A 9 -8.87 -12.64 17.18
CA GLU A 9 -10.29 -12.58 16.87
C GLU A 9 -11.17 -12.55 18.11
N SER A 10 -10.63 -12.97 19.25
CA SER A 10 -11.44 -12.93 20.44
C SER A 10 -11.56 -11.45 20.77
N ALA A 11 -10.40 -10.84 21.00
CA ALA A 11 -10.29 -9.42 21.38
C ALA A 11 -11.02 -8.43 20.46
N PHE A 12 -10.89 -8.61 19.16
CA PHE A 12 -11.51 -7.69 18.22
C PHE A 12 -12.94 -7.41 18.52
N GLU A 13 -13.60 -8.42 19.04
CA GLU A 13 -15.02 -8.32 19.34
C GLU A 13 -15.22 -7.30 20.48
N ARG A 14 -14.24 -7.22 21.40
CA ARG A 14 -14.33 -6.21 22.50
C ARG A 14 -13.51 -4.95 22.22
N ARG A 15 -13.20 -4.72 20.93
CA ARG A 15 -12.35 -3.61 20.48
C ARG A 15 -12.58 -2.28 21.24
N ALA A 16 -13.81 -1.79 21.21
CA ALA A 16 -14.17 -0.52 21.86
C ALA A 16 -13.94 -0.45 23.36
N ASP A 17 -13.81 -1.61 24.01
CA ASP A 17 -13.61 -1.64 25.46
C ASP A 17 -12.23 -1.94 25.92
N ILE A 18 -11.33 -2.13 24.96
CA ILE A 18 -9.99 -2.43 25.30
C ILE A 18 -9.21 -1.16 25.28
N THR A 19 -8.35 -0.99 26.24
CA THR A 19 -7.53 0.19 26.30
C THR A 19 -6.12 -0.22 26.69
N PRO A 20 -5.20 0.69 26.58
CA PRO A 20 -3.85 0.36 26.92
C PRO A 20 -3.67 -0.08 28.38
N ALA A 21 -4.73 -0.06 29.19
CA ALA A 21 -4.57 -0.41 30.60
C ALA A 21 -5.36 -1.60 31.06
N ASN A 22 -6.53 -1.77 30.52
CA ASN A 22 -7.30 -2.90 30.91
C ASN A 22 -7.01 -4.13 30.04
N VAL A 23 -6.06 -3.98 29.10
CA VAL A 23 -5.77 -5.11 28.20
C VAL A 23 -4.90 -6.11 28.93
N ASP A 24 -5.26 -7.37 28.86
CA ASP A 24 -4.47 -8.42 29.55
C ASP A 24 -3.18 -8.76 28.80
N THR A 25 -2.12 -9.15 29.53
CA THR A 25 -0.85 -9.51 28.86
C THR A 25 -0.83 -10.50 27.71
N VAL A 26 -1.87 -11.33 27.58
CA VAL A 26 -1.93 -12.28 26.47
C VAL A 26 -2.22 -11.58 25.19
N THR A 27 -3.33 -10.86 25.15
CA THR A 27 -3.72 -10.12 23.95
C THR A 27 -2.58 -9.17 23.58
N ARG A 28 -1.98 -8.53 24.57
CA ARG A 28 -0.87 -7.66 24.26
C ARG A 28 0.32 -8.40 23.57
N GLU A 29 0.85 -9.43 24.23
CA GLU A 29 1.96 -10.19 23.65
C GLU A 29 1.58 -10.71 22.26
N ALA A 30 0.33 -11.13 22.08
CA ALA A 30 -0.06 -11.66 20.77
C ALA A 30 -0.12 -10.64 19.67
N VAL A 31 -0.78 -9.53 19.96
CA VAL A 31 -0.99 -8.55 18.94
C VAL A 31 0.37 -8.13 18.53
N ASN A 32 1.21 -8.00 19.50
CA ASN A 32 2.55 -7.64 19.20
C ASN A 32 3.32 -8.65 18.32
N GLN A 33 3.01 -9.94 18.44
CA GLN A 33 3.72 -10.94 17.64
C GLN A 33 3.26 -10.88 16.24
N VAL A 34 1.95 -10.76 16.06
CA VAL A 34 1.40 -10.70 14.73
C VAL A 34 1.91 -9.47 13.92
N ILE A 35 2.22 -8.37 14.64
CA ILE A 35 2.76 -7.14 14.04
C ILE A 35 4.25 -7.39 13.66
N GLY A 36 4.95 -8.13 14.50
CA GLY A 36 6.36 -8.43 14.23
C GLY A 36 6.51 -9.34 12.96
N LEU A 37 5.47 -10.10 12.67
CA LEU A 37 5.46 -11.04 11.56
C LEU A 37 5.14 -10.33 10.33
N LEU A 38 4.37 -9.28 10.46
CA LEU A 38 4.04 -8.47 9.29
C LEU A 38 5.26 -7.59 8.93
N ASP A 39 5.94 -7.14 9.95
CA ASP A 39 7.05 -6.32 9.77
C ASP A 39 8.10 -7.08 8.94
N SER A 40 8.16 -8.41 9.19
CA SER A 40 9.15 -9.32 8.58
C SER A 40 8.75 -9.95 7.24
N GLY A 41 7.51 -9.81 6.83
CA GLY A 41 7.04 -10.39 5.56
C GLY A 41 6.62 -11.84 5.70
N ALA A 42 6.80 -12.39 6.91
CA ALA A 42 6.38 -13.77 7.20
C ALA A 42 4.88 -13.89 7.04
N LEU A 43 4.15 -12.81 7.35
CA LEU A 43 2.66 -12.79 7.11
C LEU A 43 2.33 -11.57 6.28
N ARG A 44 1.29 -11.61 5.51
CA ARG A 44 0.94 -10.45 4.75
C ARG A 44 -0.56 -10.40 4.67
N VAL A 45 -1.09 -9.19 4.77
CA VAL A 45 -2.53 -8.99 4.84
C VAL A 45 -3.33 -9.54 3.69
N ALA A 46 -2.77 -9.52 2.52
CA ALA A 46 -3.49 -10.09 1.39
C ALA A 46 -2.49 -10.84 0.55
N GLU A 47 -2.97 -11.83 -0.15
CA GLU A 47 -2.13 -12.62 -0.97
C GLU A 47 -2.87 -13.24 -2.05
N LYS A 48 -2.15 -13.52 -3.11
CA LYS A 48 -2.79 -14.03 -4.28
C LYS A 48 -2.69 -15.53 -4.24
N ILE A 49 -3.82 -16.15 -4.50
CA ILE A 49 -3.90 -17.59 -4.49
C ILE A 49 -4.87 -17.99 -5.56
N ASP A 50 -4.42 -18.96 -6.36
CA ASP A 50 -5.20 -19.47 -7.49
C ASP A 50 -5.72 -18.36 -8.35
N GLY A 51 -4.85 -17.35 -8.54
CA GLY A 51 -5.18 -16.20 -9.39
C GLY A 51 -6.27 -15.33 -8.81
N GLN A 52 -6.34 -15.31 -7.49
CA GLN A 52 -7.31 -14.47 -6.83
C GLN A 52 -6.62 -13.90 -5.61
N TRP A 53 -6.83 -12.62 -5.38
CA TRP A 53 -6.21 -11.98 -4.24
C TRP A 53 -7.10 -12.27 -3.07
N VAL A 54 -6.53 -12.74 -1.98
CA VAL A 54 -7.38 -12.94 -0.81
C VAL A 54 -7.02 -12.13 0.42
N THR A 55 -8.03 -11.62 1.09
CA THR A 55 -7.78 -10.83 2.27
C THR A 55 -7.93 -11.64 3.54
N HIS A 56 -6.87 -11.68 4.35
CA HIS A 56 -6.93 -12.25 5.66
C HIS A 56 -7.45 -11.19 6.64
N GLN A 57 -8.76 -11.09 6.72
CA GLN A 57 -9.45 -10.13 7.58
C GLN A 57 -8.91 -10.15 8.96
N TRP A 58 -8.54 -11.29 9.46
CA TRP A 58 -8.07 -11.27 10.81
C TRP A 58 -6.73 -10.62 11.02
N LEU A 59 -5.96 -10.45 9.96
CA LEU A 59 -4.67 -9.79 10.12
C LEU A 59 -4.94 -8.22 10.16
N LYS A 60 -5.97 -7.82 9.44
CA LYS A 60 -6.45 -6.42 9.39
C LYS A 60 -6.95 -6.06 10.80
N LYS A 61 -7.53 -7.05 11.50
CA LYS A 61 -7.97 -6.86 12.89
C LYS A 61 -6.83 -6.61 13.81
N ALA A 62 -5.78 -7.37 13.70
CA ALA A 62 -4.67 -7.12 14.59
C ALA A 62 -4.12 -5.70 14.36
N VAL A 63 -4.14 -5.27 13.10
CA VAL A 63 -3.62 -3.94 12.82
C VAL A 63 -4.48 -2.96 13.58
N LEU A 64 -5.78 -3.01 13.35
CA LEU A 64 -6.71 -2.16 14.10
C LEU A 64 -6.43 -2.24 15.63
N LEU A 65 -6.36 -3.46 16.16
CA LEU A 65 -6.16 -3.66 17.61
C LEU A 65 -4.91 -3.10 18.14
N SER A 66 -3.91 -2.96 17.31
CA SER A 66 -2.70 -2.40 17.89
C SER A 66 -2.95 -1.00 18.39
N PHE A 67 -3.93 -0.30 17.80
CA PHE A 67 -4.22 1.10 18.21
C PHE A 67 -4.97 1.19 19.54
N ARG A 68 -5.56 0.07 19.94
CA ARG A 68 -6.30 -0.03 21.23
C ARG A 68 -5.42 -0.52 22.37
N ILE A 69 -4.36 -1.22 22.05
CA ILE A 69 -3.54 -1.81 23.08
C ILE A 69 -2.29 -1.04 23.38
N ASN A 70 -1.88 -0.13 22.49
CA ASN A 70 -0.63 0.59 22.74
C ASN A 70 -0.91 1.97 23.16
N ASP A 71 -0.04 2.52 23.99
CA ASP A 71 -0.21 3.89 24.41
C ASP A 71 0.83 4.79 23.72
N ASN A 72 0.47 6.07 23.55
CA ASN A 72 1.34 7.08 22.93
C ASN A 72 2.58 7.30 23.74
N LYS A 73 3.60 7.76 23.07
CA LYS A 73 4.88 8.00 23.71
C LYS A 73 5.53 9.22 23.01
N VAL A 74 6.27 10.02 23.75
CA VAL A 74 6.90 11.13 23.10
C VAL A 74 8.06 10.64 22.28
N MET A 75 8.16 11.15 21.06
CA MET A 75 9.27 10.83 20.18
C MET A 75 9.98 12.13 19.92
N ASP A 76 11.26 12.14 20.20
CA ASP A 76 12.03 13.32 19.99
C ASP A 76 12.52 13.43 18.58
N GLY A 77 11.96 14.39 17.85
CA GLY A 77 12.42 14.69 16.50
C GLY A 77 13.65 15.51 16.90
N ALA A 78 14.19 16.32 16.02
CA ALA A 78 15.32 17.11 16.46
C ALA A 78 14.85 18.51 16.79
N GLU A 79 14.20 19.15 15.83
CA GLU A 79 13.69 20.51 16.00
C GLU A 79 12.27 20.53 16.59
N THR A 80 11.60 19.38 16.62
CA THR A 80 10.25 19.32 17.13
C THR A 80 10.06 17.99 17.87
N ARG A 81 8.83 17.69 18.29
CA ARG A 81 8.54 16.44 18.97
C ARG A 81 7.25 15.85 18.45
N TYR A 82 7.09 14.55 18.64
CA TYR A 82 5.91 13.87 18.17
C TYR A 82 5.38 13.08 19.34
N TYR A 83 4.14 12.65 19.21
CA TYR A 83 3.46 11.91 20.22
C TYR A 83 2.58 10.91 19.48
N ASP A 84 3.01 9.65 19.46
CA ASP A 84 2.29 8.60 18.73
C ASP A 84 2.54 7.19 19.30
N LYS A 85 1.76 6.24 18.84
CA LYS A 85 1.83 4.87 19.36
C LYS A 85 2.41 3.77 18.41
N VAL A 86 2.91 4.13 17.23
CA VAL A 86 3.48 3.12 16.35
C VAL A 86 4.90 3.51 16.11
N PRO A 87 5.76 2.66 16.58
CA PRO A 87 7.19 2.81 16.45
C PRO A 87 7.66 2.97 15.02
N MET A 88 8.83 3.52 14.89
CA MET A 88 9.45 3.68 13.61
C MET A 88 10.17 2.43 13.23
N LYS A 89 9.91 1.92 12.04
CA LYS A 89 10.60 0.73 11.60
C LYS A 89 12.10 0.73 11.75
N PHE A 90 12.73 1.76 11.20
CA PHE A 90 14.20 1.80 11.14
C PHE A 90 14.96 2.33 12.31
N ALA A 91 14.24 2.64 13.38
CA ALA A 91 14.88 3.20 14.52
C ALA A 91 16.01 2.37 15.11
N ASP A 92 15.92 1.05 15.03
CA ASP A 92 17.00 0.21 15.59
C ASP A 92 18.13 -0.20 14.57
N TYR A 93 17.86 -0.13 13.26
CA TYR A 93 18.85 -0.54 12.25
C TYR A 93 20.21 0.06 12.36
N ASP A 94 21.21 -0.74 12.06
CA ASP A 94 22.58 -0.25 12.00
C ASP A 94 22.96 -0.50 10.56
N GLU A 95 24.17 -0.16 10.16
CA GLU A 95 24.54 -0.36 8.77
C GLU A 95 24.54 -1.80 8.33
N ALA A 96 24.92 -2.66 9.26
CA ALA A 96 25.01 -4.09 8.99
C ALA A 96 23.68 -4.56 8.47
N ARG A 97 22.66 -4.26 9.27
CA ARG A 97 21.30 -4.62 8.92
C ARG A 97 20.78 -4.02 7.60
N PHE A 98 21.04 -2.73 7.41
CA PHE A 98 20.60 -2.06 6.20
C PHE A 98 21.36 -2.78 5.10
N GLN A 99 22.62 -3.09 5.37
CA GLN A 99 23.39 -3.78 4.36
C GLN A 99 22.79 -5.11 4.00
N LYS A 100 22.38 -5.89 5.01
CA LYS A 100 21.74 -7.16 4.72
C LYS A 100 20.33 -7.00 4.13
N GLU A 101 19.58 -5.99 4.57
CA GLU A 101 18.25 -5.87 4.04
C GLU A 101 18.11 -5.42 2.58
N GLY A 102 19.15 -4.79 2.06
CA GLY A 102 19.23 -4.47 0.61
C GLY A 102 18.34 -3.46 -0.06
N PHE A 103 17.90 -2.45 0.69
CA PHE A 103 17.06 -1.42 0.08
C PHE A 103 17.69 -0.05 0.39
N ARG A 104 17.15 1.03 -0.16
CA ARG A 104 17.72 2.35 0.10
C ARG A 104 16.63 3.23 0.69
N VAL A 105 16.98 3.97 1.73
CA VAL A 105 16.02 4.84 2.43
C VAL A 105 16.51 6.28 2.42
N VAL A 106 15.90 7.05 1.56
CA VAL A 106 16.28 8.47 1.34
C VAL A 106 15.60 9.42 2.34
N PRO A 107 16.38 10.19 3.06
CA PRO A 107 15.81 11.09 4.09
C PRO A 107 15.02 12.13 3.39
N PRO A 108 13.86 12.45 3.96
CA PRO A 108 13.41 11.87 5.23
C PRO A 108 12.29 10.78 5.10
N ALA A 109 12.46 9.82 4.20
CA ALA A 109 11.50 8.71 4.02
C ALA A 109 11.23 8.13 5.41
N THR A 110 9.99 7.74 5.65
CA THR A 110 9.60 7.22 6.97
C THR A 110 8.74 5.99 6.83
N VAL A 111 9.00 4.96 7.65
CA VAL A 111 8.19 3.74 7.59
C VAL A 111 7.82 3.30 8.96
N ARG A 112 6.56 2.93 9.12
CA ARG A 112 6.10 2.46 10.41
C ARG A 112 6.45 0.97 10.59
N GLN A 113 6.66 0.57 11.83
CA GLN A 113 6.88 -0.83 12.08
C GLN A 113 5.59 -1.59 11.73
N GLY A 114 5.71 -2.79 11.15
CA GLY A 114 4.53 -3.55 10.77
C GLY A 114 4.38 -3.47 9.30
N ALA A 115 5.36 -2.85 8.64
CA ALA A 115 5.26 -2.78 7.17
C ALA A 115 6.43 -3.55 6.61
N PHE A 116 6.19 -4.27 5.55
CA PHE A 116 7.30 -5.03 4.97
C PHE A 116 7.97 -4.31 3.76
N ILE A 117 9.28 -4.08 3.86
CA ILE A 117 10.05 -3.50 2.76
C ILE A 117 11.02 -4.58 2.12
N ALA A 118 10.85 -4.89 0.87
CA ALA A 118 11.65 -5.89 0.23
C ALA A 118 13.00 -5.39 -0.24
N ARG A 119 13.84 -6.35 -0.57
CA ARG A 119 15.18 -6.11 -1.04
C ARG A 119 15.16 -5.30 -2.33
N ASN A 120 16.21 -4.51 -2.53
CA ASN A 120 16.31 -3.78 -3.78
C ASN A 120 15.18 -2.76 -4.07
N THR A 121 14.59 -2.17 -3.04
CA THR A 121 13.57 -1.18 -3.29
C THR A 121 14.25 0.16 -2.98
N VAL A 122 13.65 1.26 -3.44
CA VAL A 122 14.22 2.55 -3.13
C VAL A 122 13.06 3.35 -2.57
N LEU A 123 13.22 3.89 -1.36
CA LEU A 123 12.16 4.76 -0.82
C LEU A 123 12.64 6.18 -0.86
N MET A 124 12.13 6.95 -1.79
CA MET A 124 12.48 8.38 -1.79
C MET A 124 11.67 8.90 -0.58
N PRO A 125 11.64 10.22 -0.32
CA PRO A 125 10.90 10.71 0.83
C PRO A 125 9.44 10.45 0.60
N SER A 126 8.87 9.72 1.52
CA SER A 126 7.51 9.22 1.32
C SER A 126 7.07 8.54 2.63
N TYR A 127 5.88 7.96 2.57
CA TYR A 127 5.31 7.31 3.75
C TYR A 127 4.81 5.91 3.47
N VAL A 128 5.23 4.99 4.31
CA VAL A 128 4.72 3.62 4.24
C VAL A 128 4.08 3.32 5.60
N ASN A 129 2.78 3.07 5.56
CA ASN A 129 2.02 2.80 6.77
C ASN A 129 2.02 1.31 7.22
N ILE A 130 1.64 1.12 8.46
CA ILE A 130 1.61 -0.20 9.07
C ILE A 130 0.88 -1.24 8.28
N GLY A 131 1.48 -2.41 8.15
CA GLY A 131 0.83 -3.53 7.44
C GLY A 131 0.96 -3.50 5.96
N ALA A 132 1.64 -2.51 5.40
CA ALA A 132 1.74 -2.51 3.95
C ALA A 132 2.84 -3.52 3.56
N TYR A 133 2.89 -3.88 2.32
CA TYR A 133 3.93 -4.82 1.89
C TYR A 133 4.50 -4.23 0.62
N VAL A 134 5.81 -3.93 0.56
CA VAL A 134 6.37 -3.37 -0.72
C VAL A 134 7.41 -4.35 -1.32
N ASP A 135 7.07 -4.94 -2.45
CA ASP A 135 7.94 -5.99 -3.04
C ASP A 135 9.17 -5.50 -3.81
N GLU A 136 9.98 -6.48 -4.16
CA GLU A 136 11.29 -6.23 -4.81
C GLU A 136 11.36 -5.32 -6.00
N GLY A 137 12.44 -4.54 -6.05
CA GLY A 137 12.68 -3.65 -7.19
C GLY A 137 11.87 -2.35 -7.24
N THR A 138 10.89 -2.23 -6.37
CA THR A 138 10.00 -1.09 -6.41
C THR A 138 10.56 0.26 -5.94
N MET A 139 10.13 1.35 -6.58
CA MET A 139 10.55 2.68 -6.09
C MET A 139 9.27 3.39 -5.67
N VAL A 140 9.33 4.01 -4.50
CA VAL A 140 8.22 4.85 -3.98
C VAL A 140 8.84 6.26 -4.10
N ASP A 141 8.35 7.01 -5.06
CA ASP A 141 8.92 8.30 -5.37
C ASP A 141 8.45 9.36 -4.40
N THR A 142 8.94 10.58 -4.58
CA THR A 142 8.72 11.66 -3.66
C THR A 142 7.30 12.03 -3.26
N TRP A 143 7.08 12.09 -1.94
CA TRP A 143 5.76 12.38 -1.41
C TRP A 143 4.65 11.39 -1.76
N ALA A 144 5.04 10.19 -2.11
CA ALA A 144 4.04 9.13 -2.40
C ALA A 144 3.62 8.58 -1.05
N THR A 145 2.52 7.84 -1.02
CA THR A 145 2.11 7.25 0.24
C THR A 145 1.61 5.83 0.02
N VAL A 146 2.13 4.88 0.80
CA VAL A 146 1.63 3.50 0.66
C VAL A 146 0.74 3.31 1.89
N GLY A 147 -0.57 3.34 1.64
CA GLY A 147 -1.60 3.26 2.70
C GLY A 147 -1.57 1.98 3.57
N SER A 148 -2.15 2.07 4.77
CA SER A 148 -2.13 0.88 5.66
C SER A 148 -2.59 -0.38 4.86
N CYS A 149 -1.83 -1.49 5.01
CA CYS A 149 -2.15 -2.82 4.42
C CYS A 149 -2.14 -2.92 2.95
N ALA A 150 -1.69 -1.86 2.30
CA ALA A 150 -1.71 -1.91 0.84
C ALA A 150 -0.66 -2.93 0.34
N GLN A 151 -0.88 -3.47 -0.83
CA GLN A 151 0.05 -4.50 -1.38
C GLN A 151 0.60 -4.01 -2.71
N ILE A 152 1.91 -3.80 -2.72
CA ILE A 152 2.58 -3.28 -3.90
C ILE A 152 3.47 -4.37 -4.50
N GLY A 153 3.30 -4.65 -5.78
CA GLY A 153 4.10 -5.71 -6.48
C GLY A 153 5.62 -5.44 -6.68
N LYS A 154 6.32 -6.34 -7.39
CA LYS A 154 7.77 -6.15 -7.64
C LYS A 154 7.92 -5.20 -8.79
N ASN A 155 9.03 -4.46 -8.83
CA ASN A 155 9.29 -3.60 -9.94
C ASN A 155 8.19 -2.65 -10.27
N VAL A 156 7.70 -1.96 -9.27
CA VAL A 156 6.63 -1.05 -9.53
C VAL A 156 7.21 0.33 -9.38
N HIS A 157 6.65 1.30 -10.11
CA HIS A 157 7.10 2.64 -9.93
C HIS A 157 5.90 3.48 -9.50
N LEU A 158 5.89 3.88 -8.24
CA LEU A 158 4.83 4.76 -7.71
C LEU A 158 5.41 6.19 -7.88
N SER A 159 4.91 6.94 -8.81
CA SER A 159 5.47 8.26 -9.04
C SER A 159 5.28 9.23 -7.90
N GLY A 160 5.80 10.45 -8.10
CA GLY A 160 5.75 11.50 -7.06
C GLY A 160 4.32 11.83 -6.72
N GLY A 161 4.06 12.01 -5.42
CA GLY A 161 2.72 12.43 -4.96
C GLY A 161 1.60 11.43 -5.17
N VAL A 162 1.94 10.17 -5.43
CA VAL A 162 0.90 9.15 -5.70
C VAL A 162 0.37 8.62 -4.41
N GLY A 163 -0.91 8.36 -4.34
CA GLY A 163 -1.44 7.86 -3.11
C GLY A 163 -2.14 6.51 -3.33
N ILE A 164 -1.72 5.53 -2.54
CA ILE A 164 -2.34 4.19 -2.60
C ILE A 164 -3.23 4.04 -1.33
N GLY A 165 -4.54 3.93 -1.49
CA GLY A 165 -5.46 3.90 -0.32
C GLY A 165 -5.14 2.93 0.79
N GLY A 166 -5.38 3.34 2.04
CA GLY A 166 -5.15 2.47 3.21
C GLY A 166 -6.52 1.81 3.56
N VAL A 167 -6.60 1.23 4.74
CA VAL A 167 -7.88 0.60 5.14
C VAL A 167 -8.37 1.10 6.54
N LEU A 168 -7.69 2.07 7.13
CA LEU A 168 -7.98 2.53 8.50
C LEU A 168 -9.03 3.62 8.68
N GLU A 169 -8.90 4.67 7.88
CA GLU A 169 -9.86 5.78 7.89
C GLU A 169 -9.85 6.47 6.52
N PRO A 170 -10.97 6.41 5.78
CA PRO A 170 -12.18 5.70 6.23
C PRO A 170 -11.90 4.19 6.23
N LEU A 171 -12.63 3.46 7.05
CA LEU A 171 -12.43 2.03 7.16
C LEU A 171 -12.83 1.27 5.85
N GLN A 172 -11.99 0.31 5.42
CA GLN A 172 -12.23 -0.40 4.17
C GLN A 172 -12.30 -1.88 4.36
N ALA A 173 -13.10 -2.53 3.52
CA ALA A 173 -13.21 -4.02 3.56
C ALA A 173 -11.88 -4.66 3.11
N ASN A 174 -11.41 -4.26 1.89
CA ASN A 174 -10.15 -4.83 1.30
C ASN A 174 -9.08 -3.80 1.01
N PRO A 175 -7.82 -4.23 1.09
CA PRO A 175 -6.66 -3.37 0.79
C PRO A 175 -6.60 -3.04 -0.67
N THR A 176 -5.80 -2.02 -0.99
CA THR A 176 -5.64 -1.65 -2.37
C THR A 176 -4.44 -2.45 -2.88
N ILE A 177 -4.49 -2.91 -4.13
CA ILE A 177 -3.39 -3.80 -4.62
C ILE A 177 -2.85 -3.36 -5.95
N ILE A 178 -1.52 -3.29 -6.06
CA ILE A 178 -0.92 -2.91 -7.30
C ILE A 178 -0.07 -4.13 -7.65
N GLU A 179 -0.39 -4.79 -8.75
CA GLU A 179 0.37 -6.00 -9.07
C GLU A 179 1.75 -5.67 -9.66
N ASP A 180 2.52 -6.70 -9.93
CA ASP A 180 3.89 -6.54 -10.43
C ASP A 180 4.01 -5.70 -11.69
N ASN A 181 5.15 -5.04 -11.84
CA ASN A 181 5.41 -4.30 -13.10
C ASN A 181 4.50 -3.16 -13.52
N CYS A 182 3.81 -2.55 -12.58
CA CYS A 182 2.92 -1.45 -12.94
C CYS A 182 3.65 -0.14 -12.78
N PHE A 183 3.17 0.89 -13.47
CA PHE A 183 3.77 2.24 -13.34
C PHE A 183 2.60 3.10 -12.96
N ILE A 184 2.66 3.79 -11.83
CA ILE A 184 1.52 4.68 -11.47
C ILE A 184 2.03 6.12 -11.61
N GLY A 185 1.42 6.85 -12.56
CA GLY A 185 1.75 8.25 -12.97
C GLY A 185 1.62 9.23 -11.85
N ALA A 186 2.31 10.36 -11.96
CA ALA A 186 2.35 11.33 -10.85
C ALA A 186 1.01 11.82 -10.38
N ARG A 187 0.90 12.07 -9.07
CA ARG A 187 -0.36 12.63 -8.50
C ARG A 187 -1.63 11.78 -8.68
N SER A 188 -1.48 10.51 -9.03
CA SER A 188 -2.63 9.67 -9.22
C SER A 188 -3.01 9.05 -7.86
N GLU A 189 -4.23 8.56 -7.75
CA GLU A 189 -4.66 7.97 -6.48
C GLU A 189 -5.39 6.65 -6.77
N VAL A 190 -5.09 5.64 -5.99
CA VAL A 190 -5.76 4.35 -6.13
C VAL A 190 -6.22 3.95 -4.73
N VAL A 191 -7.54 3.80 -4.57
CA VAL A 191 -8.11 3.53 -3.29
C VAL A 191 -9.30 2.54 -3.34
N GLU A 192 -9.83 2.25 -2.16
CA GLU A 192 -11.05 1.43 -1.97
C GLU A 192 -11.05 0.03 -2.51
N GLY A 193 -9.88 -0.61 -2.41
CA GLY A 193 -9.70 -2.01 -2.82
C GLY A 193 -9.67 -2.24 -4.29
N VAL A 194 -9.35 -1.24 -5.05
CA VAL A 194 -9.26 -1.41 -6.51
C VAL A 194 -7.98 -2.21 -6.79
N ILE A 195 -8.03 -3.01 -7.82
CA ILE A 195 -6.86 -3.80 -8.19
C ILE A 195 -6.30 -3.36 -9.57
N VAL A 196 -5.00 -3.04 -9.57
CA VAL A 196 -4.30 -2.67 -10.81
C VAL A 196 -3.48 -3.90 -11.21
N GLU A 197 -3.97 -4.57 -12.25
CA GLU A 197 -3.36 -5.79 -12.75
C GLU A 197 -2.03 -5.55 -13.40
N GLU A 198 -1.19 -6.57 -13.30
CA GLU A 198 0.18 -6.49 -13.75
C GLU A 198 0.46 -5.90 -15.13
N GLY A 199 1.56 -5.18 -15.18
CA GLY A 199 1.99 -4.51 -16.39
C GLY A 199 1.16 -3.32 -16.85
N SER A 200 0.30 -2.78 -15.99
CA SER A 200 -0.52 -1.65 -16.41
C SER A 200 0.23 -0.33 -16.20
N VAL A 201 -0.15 0.71 -16.97
CA VAL A 201 0.47 2.03 -16.85
C VAL A 201 -0.62 2.99 -16.64
N ILE A 202 -0.65 3.57 -15.44
CA ILE A 202 -1.68 4.58 -15.10
C ILE A 202 -1.02 5.95 -15.34
N SER A 203 -1.65 6.80 -16.12
CA SER A 203 -1.05 8.09 -16.42
C SER A 203 -1.07 9.02 -15.19
N MET A 204 -0.72 10.29 -15.38
CA MET A 204 -0.71 11.25 -14.27
C MET A 204 -2.12 11.70 -13.91
N GLY A 205 -2.36 12.08 -12.68
CA GLY A 205 -3.69 12.64 -12.42
C GLY A 205 -4.84 11.74 -12.75
N VAL A 206 -4.69 10.45 -12.49
CA VAL A 206 -5.80 9.50 -12.65
C VAL A 206 -6.24 9.09 -11.25
N TYR A 207 -7.56 9.10 -11.03
CA TYR A 207 -8.15 8.80 -9.70
C TYR A 207 -9.07 7.63 -9.84
N LEU A 208 -8.71 6.56 -9.18
CA LEU A 208 -9.47 5.32 -9.25
C LEU A 208 -10.02 4.86 -7.90
N GLY A 209 -11.36 4.81 -7.80
CA GLY A 209 -12.05 4.29 -6.58
C GLY A 209 -13.18 3.32 -7.06
N GLN A 210 -13.95 2.78 -6.15
CA GLN A 210 -15.01 1.90 -6.58
C GLN A 210 -16.04 2.60 -7.40
N SER A 211 -16.19 3.90 -7.26
CA SER A 211 -17.19 4.53 -8.09
C SER A 211 -16.67 5.00 -9.42
N THR A 212 -15.39 4.74 -9.71
CA THR A 212 -14.81 5.20 -11.01
C THR A 212 -15.07 4.29 -12.21
N ARG A 213 -15.66 4.85 -13.26
CA ARG A 213 -15.91 4.11 -14.44
C ARG A 213 -14.58 3.99 -15.19
N ILE A 214 -14.11 2.77 -15.43
CA ILE A 214 -12.88 2.58 -16.26
C ILE A 214 -13.39 2.18 -17.66
N TYR A 215 -13.36 3.11 -18.59
CA TYR A 215 -13.94 2.90 -19.88
C TYR A 215 -13.00 2.41 -20.98
N ASP A 216 -13.37 1.33 -21.63
CA ASP A 216 -12.53 0.83 -22.69
C ASP A 216 -13.10 1.28 -23.96
N ARG A 217 -12.56 2.36 -24.50
CA ARG A 217 -13.05 2.91 -25.77
C ARG A 217 -13.15 1.91 -26.92
N GLU A 218 -12.24 0.94 -26.92
CA GLU A 218 -12.27 -0.01 -27.99
C GLU A 218 -13.45 -0.96 -27.85
N THR A 219 -13.56 -1.65 -26.71
CA THR A 219 -14.68 -2.60 -26.52
C THR A 219 -15.97 -1.98 -26.08
N GLY A 220 -15.90 -0.80 -25.51
CA GLY A 220 -17.10 -0.14 -25.01
C GLY A 220 -17.42 -0.70 -23.62
N GLU A 221 -16.61 -1.65 -23.17
CA GLU A 221 -16.83 -2.22 -21.90
C GLU A 221 -16.40 -1.25 -20.80
N ILE A 222 -17.18 -1.18 -19.72
CA ILE A 222 -16.89 -0.28 -18.57
C ILE A 222 -16.59 -1.12 -17.36
N HIS A 223 -15.41 -0.98 -16.82
CA HIS A 223 -15.02 -1.72 -15.64
C HIS A 223 -15.20 -0.89 -14.39
N TYR A 224 -15.11 -1.60 -13.28
CA TYR A 224 -15.27 -1.04 -12.00
C TYR A 224 -14.44 -1.90 -11.11
N GLY A 225 -13.55 -1.29 -10.33
CA GLY A 225 -12.82 -2.04 -9.34
C GLY A 225 -11.55 -2.65 -9.78
N ARG A 226 -11.21 -2.55 -11.04
CA ARG A 226 -9.92 -3.18 -11.45
C ARG A 226 -9.46 -2.76 -12.80
N VAL A 227 -8.15 -2.75 -12.96
CA VAL A 227 -7.56 -2.37 -14.21
C VAL A 227 -6.97 -3.65 -14.84
N PRO A 228 -7.55 -4.06 -15.96
CA PRO A 228 -7.11 -5.27 -16.65
C PRO A 228 -5.61 -5.24 -16.98
N ALA A 229 -4.92 -6.34 -16.77
CA ALA A 229 -3.50 -6.39 -17.01
C ALA A 229 -3.02 -5.76 -18.38
N GLY A 230 -1.90 -5.05 -18.38
CA GLY A 230 -1.36 -4.45 -19.59
C GLY A 230 -2.07 -3.24 -20.19
N SER A 231 -2.94 -2.57 -19.42
CA SER A 231 -3.64 -1.37 -19.90
C SER A 231 -2.86 -0.09 -19.62
N VAL A 232 -3.23 0.92 -20.41
CA VAL A 232 -2.69 2.25 -20.31
C VAL A 232 -3.94 3.07 -20.10
N VAL A 233 -3.99 3.70 -18.95
CA VAL A 233 -5.17 4.44 -18.53
C VAL A 233 -4.86 5.90 -18.37
N VAL A 234 -5.79 6.75 -18.79
CA VAL A 234 -5.59 8.20 -18.66
C VAL A 234 -6.92 8.78 -18.32
N SER A 235 -6.93 10.02 -17.83
CA SER A 235 -8.16 10.74 -17.47
C SER A 235 -8.98 11.19 -18.64
N GLY A 236 -10.28 11.12 -18.50
CA GLY A 236 -11.18 11.64 -19.51
C GLY A 236 -12.47 11.97 -18.79
N ASN A 237 -13.54 12.07 -19.56
CA ASN A 237 -14.87 12.34 -19.02
C ASN A 237 -15.87 11.55 -19.83
N LEU A 238 -17.06 11.33 -19.29
CA LEU A 238 -18.14 10.70 -20.06
C LEU A 238 -19.30 11.69 -20.02
N PRO A 239 -19.99 11.84 -21.13
CA PRO A 239 -21.08 12.83 -21.25
C PRO A 239 -22.39 12.44 -20.64
N SER A 240 -23.12 13.44 -20.13
CA SER A 240 -24.44 13.24 -19.53
C SER A 240 -25.35 12.78 -20.66
N LYS A 241 -26.50 12.23 -20.31
CA LYS A 241 -27.41 11.81 -21.35
C LYS A 241 -27.82 13.03 -22.18
N ASP A 242 -27.97 14.19 -21.54
CA ASP A 242 -28.34 15.40 -22.28
C ASP A 242 -27.19 16.26 -22.82
N GLY A 243 -25.96 15.73 -22.77
CA GLY A 243 -24.80 16.45 -23.30
C GLY A 243 -24.65 17.78 -22.60
N SER A 244 -25.38 17.92 -21.49
CA SER A 244 -25.38 19.11 -20.65
C SER A 244 -24.06 19.33 -19.91
N TYR A 245 -23.45 18.23 -19.45
CA TYR A 245 -22.17 18.28 -18.77
C TYR A 245 -21.57 16.91 -18.93
N SER A 246 -20.34 16.75 -18.45
CA SER A 246 -19.70 15.47 -18.47
C SER A 246 -19.05 15.22 -17.09
N LEU A 247 -18.84 13.94 -16.72
CA LEU A 247 -18.22 13.60 -15.40
C LEU A 247 -16.97 12.79 -15.60
N TYR A 248 -16.04 12.96 -14.67
CA TYR A 248 -14.75 12.30 -14.75
C TYR A 248 -14.84 10.78 -14.93
N CYS A 249 -13.90 10.19 -15.66
CA CYS A 249 -13.80 8.74 -15.75
C CYS A 249 -12.37 8.42 -16.13
N ALA A 250 -11.99 7.14 -15.97
CA ALA A 250 -10.68 6.70 -16.37
C ALA A 250 -10.91 6.03 -17.76
N VAL A 251 -10.02 6.30 -18.72
CA VAL A 251 -10.17 5.70 -20.07
C VAL A 251 -8.99 4.83 -20.44
N ILE A 252 -9.26 3.56 -20.77
CA ILE A 252 -8.18 2.66 -21.20
C ILE A 252 -8.01 2.99 -22.66
N VAL A 253 -6.95 3.73 -23.00
CA VAL A 253 -6.73 4.18 -24.40
C VAL A 253 -5.99 3.16 -25.27
N LYS A 254 -5.28 2.23 -24.64
CA LYS A 254 -4.52 1.27 -25.40
C LYS A 254 -3.83 0.27 -24.50
N LYS A 255 -3.19 -0.72 -25.14
CA LYS A 255 -2.44 -1.75 -24.44
C LYS A 255 -1.00 -1.31 -24.52
N VAL A 256 -0.26 -1.52 -23.44
CA VAL A 256 1.14 -1.14 -23.34
C VAL A 256 2.00 -1.62 -24.53
N ASP A 257 2.83 -0.73 -25.07
CA ASP A 257 3.70 -1.03 -26.20
C ASP A 257 5.06 -0.39 -26.02
N ALA A 258 5.92 -0.51 -27.02
CA ALA A 258 7.28 -0.01 -26.91
C ALA A 258 7.33 1.45 -26.75
N LYS A 259 6.37 2.15 -27.33
CA LYS A 259 6.35 3.59 -27.23
C LYS A 259 6.12 3.89 -25.74
N THR A 260 5.11 3.24 -25.17
CA THR A 260 4.82 3.37 -23.76
C THR A 260 6.00 2.93 -22.90
N ARG A 261 6.51 1.74 -23.17
CA ARG A 261 7.64 1.21 -22.38
C ARG A 261 8.79 2.17 -22.37
N GLY A 262 8.85 3.03 -23.38
CA GLY A 262 9.97 3.96 -23.48
C GLY A 262 9.97 5.00 -22.35
N LYS A 263 8.77 5.37 -21.91
CA LYS A 263 8.60 6.41 -20.95
C LYS A 263 8.47 5.99 -19.52
N VAL A 264 8.36 4.71 -19.25
CA VAL A 264 8.08 4.28 -17.88
C VAL A 264 9.00 3.27 -17.30
N GLY A 265 10.11 3.03 -17.93
CA GLY A 265 10.98 2.05 -17.37
C GLY A 265 11.73 2.33 -16.06
N ILE A 266 12.08 1.24 -15.38
CA ILE A 266 12.84 1.30 -14.16
C ILE A 266 14.30 1.54 -14.49
N ASN A 267 14.97 2.35 -13.70
CA ASN A 267 16.37 2.63 -13.91
C ASN A 267 17.22 1.69 -13.00
N GLU A 268 17.71 0.59 -13.58
CA GLU A 268 18.52 -0.38 -12.78
C GLU A 268 19.72 0.20 -12.13
N LEU A 269 20.24 1.27 -12.69
CA LEU A 269 21.46 1.83 -12.12
C LEU A 269 21.17 2.38 -10.76
N LEU A 270 19.90 2.62 -10.47
CA LEU A 270 19.60 3.18 -9.15
C LEU A 270 19.32 2.09 -8.15
N ARG A 271 19.20 0.87 -8.63
CA ARG A 271 18.89 -0.24 -7.72
C ARG A 271 20.16 -0.66 -6.96
N THR A 272 20.05 -1.64 -6.07
CA THR A 272 21.18 -2.15 -5.24
C THR A 272 22.35 -2.72 -6.06
N ILE A 273 23.55 -2.31 -5.70
CA ILE A 273 24.77 -2.70 -6.39
C ILE A 273 25.24 -4.00 -5.77
N ASP A 274 25.09 -5.07 -6.58
CA ASP A 274 25.41 -6.44 -6.15
C ASP A 274 26.91 -6.69 -5.95
#